data_5GGY
#
_entry.id   5GGY
#
_cell.length_a   57.246
_cell.length_b   71.746
_cell.length_c   125.889
_cell.angle_alpha   90.00
_cell.angle_beta   90.00
_cell.angle_gamma   90.00
#
_symmetry.space_group_name_H-M   'P 21 21 21'
#
loop_
_entity.id
_entity.type
_entity.pdbx_description
1 polymer 'Iron(III) ABC transporter, periplasmic iron-compound-binding protein'
2 non-polymer 'CHLORIDE ION'
3 water water
#
_entity_poly.entity_id   1
_entity_poly.type   'polypeptide(L)'
_entity_poly.pdbx_seq_one_letter_code
;HHHHHHSSGLVPRGSHMRVVVLNWDLLEQVLELGIQPVGAPELSSYVQWVVQPEVPSSVQDIGTRTEPNLEKIAALKPDV
ILAAGPQQDLLATLGRIAPVVYLPNFSEQDNAAQVAISHFKTLATLFGKEAVAQQKLEAMYARFSELKASLQHAFGDTLP
AVVTLRFANPTSVFLYTENSTPQYVLEQLGLSSALPQPPKEWGIVQKRLSELQHVEQGYVLYFLPFAEEKKVQKSVLWRA
MPFVQAGRVNSVRPVWSYGGAMSLRYSAEAITESLLAVAPQS
;
_entity_poly.pdbx_strand_id   A,N
#
# COMPACT_ATOMS: atom_id res chain seq x y z
N HIS A 16 -23.46 -7.13 -8.25
CA HIS A 16 -23.66 -5.69 -8.29
C HIS A 16 -25.03 -5.32 -7.74
N MET A 17 -25.04 -4.61 -6.62
CA MET A 17 -26.27 -4.27 -5.92
C MET A 17 -26.69 -2.82 -6.18
N ARG A 18 -27.81 -2.41 -5.60
CA ARG A 18 -28.23 -1.02 -5.64
C ARG A 18 -27.68 -0.30 -4.41
N VAL A 19 -26.70 0.56 -4.62
CA VAL A 19 -26.02 1.22 -3.51
C VAL A 19 -26.42 2.68 -3.37
N VAL A 20 -26.87 3.06 -2.18
CA VAL A 20 -27.04 4.46 -1.83
C VAL A 20 -25.90 4.89 -0.93
N VAL A 21 -25.16 5.90 -1.36
CA VAL A 21 -24.04 6.41 -0.57
C VAL A 21 -24.43 7.75 0.08
N LEU A 22 -23.93 7.99 1.29
CA LEU A 22 -24.33 9.18 2.04
C LEU A 22 -23.19 10.15 2.33
N ASN A 23 -21.99 9.83 1.87
CA ASN A 23 -20.85 10.72 2.07
C ASN A 23 -19.94 10.74 0.85
N TRP A 24 -19.16 11.81 0.72
CA TRP A 24 -18.32 12.01 -0.46
C TRP A 24 -17.13 11.05 -0.50
N ASP A 25 -16.58 10.73 0.66
CA ASP A 25 -15.44 9.81 0.72
C ASP A 25 -15.89 8.42 0.25
N LEU A 26 -17.04 7.98 0.76
CA LEU A 26 -17.63 6.70 0.36
C LEU A 26 -18.06 6.73 -1.10
N LEU A 27 -18.53 7.89 -1.55
CA LEU A 27 -18.91 8.05 -2.95
C LEU A 27 -17.70 7.85 -3.85
N GLU A 28 -16.56 8.38 -3.42
CA GLU A 28 -15.31 8.19 -4.15
C GLU A 28 -14.91 6.71 -4.16
N GLN A 29 -14.99 6.07 -3.01
CA GLN A 29 -14.59 4.67 -2.86
C GLN A 29 -15.32 3.73 -3.81
N VAL A 30 -16.64 3.82 -3.85
CA VAL A 30 -17.44 2.92 -4.68
C VAL A 30 -17.23 3.20 -6.17
N LEU A 31 -17.03 4.46 -6.53
CA LEU A 31 -16.80 4.82 -7.92
C LEU A 31 -15.48 4.26 -8.43
N GLU A 32 -14.44 4.37 -7.59
CA GLU A 32 -13.12 3.87 -7.96
C GLU A 32 -13.12 2.35 -8.10
N LEU A 33 -14.04 1.69 -7.41
CA LEU A 33 -14.18 0.24 -7.48
C LEU A 33 -15.00 -0.18 -8.69
N GLY A 34 -15.55 0.80 -9.41
CA GLY A 34 -16.38 0.52 -10.56
C GLY A 34 -17.81 0.20 -10.15
N ILE A 35 -18.23 0.73 -9.01
CA ILE A 35 -19.59 0.54 -8.52
C ILE A 35 -20.36 1.84 -8.62
N GLN A 36 -21.33 1.90 -9.53
CA GLN A 36 -22.14 3.11 -9.70
C GLN A 36 -23.33 3.11 -8.73
N PRO A 37 -23.30 4.03 -7.76
CA PRO A 37 -24.38 4.14 -6.77
C PRO A 37 -25.63 4.76 -7.38
N VAL A 38 -26.80 4.39 -6.87
CA VAL A 38 -28.06 4.96 -7.37
C VAL A 38 -28.38 6.25 -6.62
N GLY A 39 -27.72 6.47 -5.50
CA GLY A 39 -27.95 7.66 -4.69
C GLY A 39 -26.70 8.17 -4.01
N ALA A 40 -26.49 9.48 -4.11
CA ALA A 40 -25.31 10.14 -3.54
C ALA A 40 -25.66 11.57 -3.15
N PRO A 41 -24.94 12.14 -2.17
CA PRO A 41 -25.29 13.48 -1.67
C PRO A 41 -24.56 14.64 -2.35
N GLU A 42 -25.24 15.78 -2.47
CA GLU A 42 -24.66 17.03 -2.94
C GLU A 42 -23.76 16.90 -4.16
N LEU A 43 -24.33 16.39 -5.25
CA LEU A 43 -23.57 16.10 -6.45
C LEU A 43 -23.02 17.34 -7.15
N SER A 44 -23.78 18.43 -7.15
CA SER A 44 -23.34 19.65 -7.82
C SER A 44 -22.21 20.30 -7.03
N SER A 45 -22.22 20.10 -5.71
CA SER A 45 -21.17 20.61 -4.84
C SER A 45 -19.95 19.69 -4.89
N TYR A 46 -20.20 18.43 -5.15
CA TYR A 46 -19.15 17.43 -5.35
C TYR A 46 -18.24 17.84 -6.52
N VAL A 47 -18.85 18.37 -7.56
CA VAL A 47 -18.12 18.79 -8.76
C VAL A 47 -17.06 19.85 -8.43
N GLN A 48 -17.39 20.75 -7.51
CA GLN A 48 -16.49 21.86 -7.18
C GLN A 48 -15.45 21.47 -6.12
N TRP A 49 -15.84 20.63 -5.18
CA TRP A 49 -14.99 20.33 -4.03
C TRP A 49 -14.19 19.04 -4.17
N VAL A 50 -14.72 18.06 -4.91
CA VAL A 50 -14.06 16.76 -5.04
C VAL A 50 -13.55 16.52 -6.46
N VAL A 51 -14.35 16.91 -7.44
CA VAL A 51 -14.00 16.82 -8.86
C VAL A 51 -13.82 15.38 -9.34
N GLN A 52 -12.82 14.69 -8.81
CA GLN A 52 -12.53 13.32 -9.22
C GLN A 52 -12.66 12.34 -8.05
N PRO A 53 -13.21 11.14 -8.31
CA PRO A 53 -13.68 10.66 -9.62
C PRO A 53 -15.02 11.28 -10.04
N GLU A 54 -15.25 11.36 -11.35
CA GLU A 54 -16.47 11.96 -11.86
C GLU A 54 -17.70 11.11 -11.55
N VAL A 55 -18.73 11.75 -11.00
CA VAL A 55 -19.98 11.06 -10.74
C VAL A 55 -20.79 10.91 -12.03
N PRO A 56 -21.15 9.66 -12.37
CA PRO A 56 -22.01 9.41 -13.53
C PRO A 56 -23.35 10.13 -13.41
N SER A 57 -23.90 10.56 -14.54
CA SER A 57 -25.15 11.33 -14.55
C SER A 57 -26.36 10.51 -14.11
N SER A 58 -26.20 9.19 -14.07
CA SER A 58 -27.27 8.29 -13.67
C SER A 58 -27.57 8.41 -12.18
N VAL A 59 -26.55 8.76 -11.40
CA VAL A 59 -26.67 8.88 -9.95
C VAL A 59 -27.61 10.01 -9.55
N GLN A 60 -28.61 9.70 -8.73
CA GLN A 60 -29.53 10.72 -8.24
C GLN A 60 -29.02 11.37 -6.96
N ASP A 61 -29.34 12.65 -6.79
CA ASP A 61 -28.98 13.38 -5.58
C ASP A 61 -30.03 13.12 -4.50
N ILE A 62 -29.59 12.63 -3.34
CA ILE A 62 -30.50 12.26 -2.26
C ILE A 62 -30.43 13.21 -1.08
N GLY A 63 -29.93 14.42 -1.32
CA GLY A 63 -29.88 15.43 -0.28
C GLY A 63 -28.46 15.74 0.17
N THR A 64 -28.32 16.31 1.37
CA THR A 64 -27.02 16.66 1.90
C THR A 64 -26.47 15.54 2.79
N ARG A 65 -25.17 15.58 3.04
CA ARG A 65 -24.49 14.55 3.83
C ARG A 65 -24.97 14.50 5.27
N THR A 66 -25.37 15.65 5.80
CA THR A 66 -25.82 15.75 7.18
C THR A 66 -27.33 15.59 7.30
N GLU A 67 -28.08 16.01 6.29
CA GLU A 67 -29.53 15.95 6.33
C GLU A 67 -30.11 15.39 5.03
N PRO A 68 -29.97 14.06 4.83
CA PRO A 68 -30.41 13.41 3.58
C PRO A 68 -31.92 13.16 3.51
N ASN A 69 -32.43 13.12 2.28
CA ASN A 69 -33.85 12.88 2.05
C ASN A 69 -34.17 11.39 2.12
N LEU A 70 -34.66 10.96 3.28
CA LEU A 70 -34.95 9.56 3.54
C LEU A 70 -36.00 8.99 2.60
N GLU A 71 -36.98 9.80 2.24
CA GLU A 71 -38.05 9.37 1.36
C GLU A 71 -37.52 9.04 -0.04
N LYS A 72 -36.59 9.85 -0.52
CA LYS A 72 -36.00 9.63 -1.84
C LYS A 72 -35.08 8.41 -1.81
N ILE A 73 -34.38 8.24 -0.70
CA ILE A 73 -33.52 7.08 -0.51
C ILE A 73 -34.35 5.79 -0.57
N ALA A 74 -35.47 5.79 0.15
CA ALA A 74 -36.37 4.64 0.17
C ALA A 74 -36.98 4.40 -1.22
N ALA A 75 -37.32 5.49 -1.90
CA ALA A 75 -37.92 5.40 -3.24
C ALA A 75 -36.97 4.78 -4.24
N LEU A 76 -35.66 4.90 -3.99
CA LEU A 76 -34.66 4.34 -4.88
C LEU A 76 -34.50 2.83 -4.67
N LYS A 77 -35.07 2.34 -3.58
CA LYS A 77 -35.04 0.92 -3.24
C LYS A 77 -33.63 0.31 -3.28
N PRO A 78 -32.74 0.80 -2.40
CA PRO A 78 -31.38 0.25 -2.41
C PRO A 78 -31.30 -1.12 -1.76
N ASP A 79 -30.15 -1.77 -1.88
CA ASP A 79 -29.90 -3.03 -1.21
C ASP A 79 -29.02 -2.78 0.02
N VAL A 80 -28.12 -1.81 -0.10
CA VAL A 80 -27.27 -1.39 1.00
C VAL A 80 -27.16 0.12 1.03
N ILE A 81 -27.04 0.67 2.23
CA ILE A 81 -26.79 2.09 2.42
C ILE A 81 -25.43 2.28 3.10
N LEU A 82 -24.56 3.05 2.47
CA LEU A 82 -23.23 3.27 3.03
C LEU A 82 -23.17 4.60 3.77
N ALA A 83 -22.86 4.55 5.06
CA ALA A 83 -22.85 5.73 5.91
C ALA A 83 -21.49 5.95 6.57
N ALA A 84 -21.18 7.21 6.87
CA ALA A 84 -19.92 7.54 7.54
C ALA A 84 -20.18 8.26 8.86
N GLY A 85 -19.13 8.84 9.41
CA GLY A 85 -19.20 9.59 10.66
C GLY A 85 -20.32 10.60 10.81
N PRO A 86 -20.49 11.51 9.84
CA PRO A 86 -21.55 12.52 9.93
C PRO A 86 -22.97 11.96 9.91
N GLN A 87 -23.13 10.69 9.56
CA GLN A 87 -24.46 10.09 9.48
C GLN A 87 -24.77 9.16 10.64
N GLN A 88 -23.90 9.16 11.65
CA GLN A 88 -23.97 8.17 12.72
C GLN A 88 -25.24 8.25 13.55
N ASP A 89 -25.87 9.42 13.58
CA ASP A 89 -27.09 9.61 14.36
C ASP A 89 -28.33 9.19 13.57
N LEU A 90 -28.13 8.83 12.30
CA LEU A 90 -29.24 8.41 11.45
C LEU A 90 -29.17 6.94 11.11
N LEU A 91 -28.16 6.25 11.65
CA LEU A 91 -27.91 4.84 11.33
C LEU A 91 -29.11 3.94 11.59
N ALA A 92 -29.75 4.11 12.74
CA ALA A 92 -30.87 3.26 13.13
C ALA A 92 -32.08 3.46 12.21
N THR A 93 -32.31 4.71 11.81
CA THR A 93 -33.40 5.04 10.90
C THR A 93 -33.13 4.54 9.49
N LEU A 94 -31.89 4.72 9.04
CA LEU A 94 -31.48 4.27 7.72
C LEU A 94 -31.59 2.75 7.60
N GLY A 95 -31.36 2.06 8.71
CA GLY A 95 -31.47 0.61 8.75
C GLY A 95 -32.87 0.11 8.50
N ARG A 96 -33.87 0.95 8.78
CA ARG A 96 -35.26 0.59 8.56
C ARG A 96 -35.58 0.54 7.06
N ILE A 97 -34.77 1.23 6.27
CA ILE A 97 -34.96 1.27 4.82
C ILE A 97 -34.21 0.13 4.15
N ALA A 98 -32.93 0.00 4.48
CA ALA A 98 -32.07 -1.03 3.91
C ALA A 98 -30.89 -1.27 4.85
N PRO A 99 -30.25 -2.45 4.74
CA PRO A 99 -29.05 -2.72 5.54
C PRO A 99 -28.00 -1.63 5.41
N VAL A 100 -27.39 -1.24 6.52
CA VAL A 100 -26.43 -0.13 6.53
C VAL A 100 -25.01 -0.58 6.82
N VAL A 101 -24.08 -0.20 5.94
CA VAL A 101 -22.66 -0.43 6.18
C VAL A 101 -22.03 0.86 6.68
N TYR A 102 -21.61 0.86 7.95
CA TYR A 102 -21.11 2.06 8.59
C TYR A 102 -19.58 2.05 8.68
N LEU A 103 -18.94 2.85 7.84
CA LEU A 103 -17.49 2.95 7.80
C LEU A 103 -17.02 4.36 8.14
N PRO A 104 -16.83 4.63 9.45
CA PRO A 104 -16.43 5.97 9.90
C PRO A 104 -14.94 6.24 9.73
N ASN A 105 -14.60 7.53 9.62
CA ASN A 105 -13.22 7.95 9.48
C ASN A 105 -13.02 9.37 10.01
N PHE A 106 -11.77 9.84 9.98
CA PHE A 106 -11.43 11.21 10.34
C PHE A 106 -11.81 11.55 11.77
N SER A 107 -11.79 10.54 12.64
CA SER A 107 -11.99 10.79 14.06
C SER A 107 -10.66 11.22 14.68
N GLU A 108 -10.73 11.68 15.92
CA GLU A 108 -9.56 12.16 16.66
C GLU A 108 -8.43 11.12 16.70
N GLN A 109 -8.82 9.86 16.86
CA GLN A 109 -7.85 8.78 17.03
C GLN A 109 -7.62 7.99 15.74
N ASP A 110 -8.33 8.34 14.68
CA ASP A 110 -8.13 7.69 13.39
C ASP A 110 -6.94 8.28 12.64
N ASN A 111 -6.17 7.41 11.99
CA ASN A 111 -5.24 7.86 10.97
C ASN A 111 -5.95 7.80 9.63
N ALA A 112 -6.42 8.97 9.20
CA ALA A 112 -7.39 9.08 8.10
C ALA A 112 -7.03 8.27 6.85
N ALA A 113 -5.80 8.43 6.38
CA ALA A 113 -5.37 7.78 5.14
C ALA A 113 -5.34 6.25 5.25
N GLN A 114 -4.86 5.75 6.39
CA GLN A 114 -4.83 4.30 6.60
C GLN A 114 -6.24 3.74 6.67
N VAL A 115 -7.13 4.46 7.33
CA VAL A 115 -8.52 4.04 7.46
C VAL A 115 -9.22 4.08 6.11
N ALA A 116 -8.89 5.09 5.31
CA ALA A 116 -9.42 5.23 3.96
C ALA A 116 -9.00 4.05 3.09
N ILE A 117 -7.75 3.65 3.23
CA ILE A 117 -7.22 2.50 2.51
C ILE A 117 -7.88 1.20 2.97
N SER A 118 -8.06 1.08 4.27
CA SER A 118 -8.68 -0.11 4.84
C SER A 118 -10.14 -0.24 4.42
N HIS A 119 -10.86 0.89 4.43
CA HIS A 119 -12.25 0.90 4.01
C HIS A 119 -12.39 0.55 2.53
N PHE A 120 -11.43 1.04 1.74
CA PHE A 120 -11.40 0.77 0.31
C PHE A 120 -11.30 -0.72 0.03
N LYS A 121 -10.53 -1.41 0.86
CA LYS A 121 -10.36 -2.85 0.72
C LYS A 121 -11.60 -3.63 1.16
N THR A 122 -12.13 -3.28 2.32
CA THR A 122 -13.31 -3.95 2.86
C THR A 122 -14.50 -3.82 1.92
N LEU A 123 -14.67 -2.63 1.35
CA LEU A 123 -15.74 -2.39 0.38
C LEU A 123 -15.54 -3.25 -0.87
N ALA A 124 -14.28 -3.42 -1.26
CA ALA A 124 -13.95 -4.23 -2.42
C ALA A 124 -14.30 -5.69 -2.16
N THR A 125 -14.07 -6.13 -0.93
CA THR A 125 -14.40 -7.49 -0.53
C THR A 125 -15.91 -7.71 -0.52
N LEU A 126 -16.64 -6.70 -0.03
CA LEU A 126 -18.10 -6.78 0.04
C LEU A 126 -18.76 -6.78 -1.33
N PHE A 127 -18.21 -6.01 -2.25
CA PHE A 127 -18.81 -5.89 -3.59
C PHE A 127 -18.04 -6.68 -4.64
N GLY A 128 -17.12 -7.53 -4.20
CA GLY A 128 -16.37 -8.39 -5.10
C GLY A 128 -15.51 -7.64 -6.10
N LYS A 129 -14.81 -6.63 -5.62
CA LYS A 129 -13.94 -5.82 -6.48
C LYS A 129 -12.51 -5.76 -5.92
N GLU A 130 -12.05 -6.87 -5.39
CA GLU A 130 -10.73 -6.92 -4.75
C GLU A 130 -9.58 -6.71 -5.73
N ALA A 131 -9.71 -7.30 -6.92
CA ALA A 131 -8.65 -7.22 -7.92
C ALA A 131 -8.41 -5.79 -8.41
N VAL A 132 -9.51 -5.09 -8.68
CA VAL A 132 -9.43 -3.71 -9.12
C VAL A 132 -8.91 -2.81 -8.00
N ALA A 133 -9.27 -3.14 -6.76
CA ALA A 133 -8.80 -2.40 -5.60
C ALA A 133 -7.28 -2.53 -5.44
N GLN A 134 -6.78 -3.75 -5.63
CA GLN A 134 -5.35 -4.00 -5.54
C GLN A 134 -4.59 -3.28 -6.65
N GLN A 135 -5.15 -3.30 -7.85
CA GLN A 135 -4.52 -2.68 -9.01
C GLN A 135 -4.41 -1.16 -8.84
N LYS A 136 -5.40 -0.57 -8.17
CA LYS A 136 -5.41 0.88 -7.98
C LYS A 136 -4.49 1.31 -6.84
N LEU A 137 -4.37 0.47 -5.83
CA LEU A 137 -3.46 0.72 -4.72
C LEU A 137 -2.01 0.56 -5.16
N GLU A 138 -1.76 -0.49 -5.95
CA GLU A 138 -0.43 -0.75 -6.48
C GLU A 138 0.03 0.40 -7.37
N ALA A 139 -0.88 0.87 -8.23
CA ALA A 139 -0.59 1.99 -9.11
C ALA A 139 -0.36 3.26 -8.30
N MET A 140 -1.05 3.37 -7.18
CA MET A 140 -0.94 4.52 -6.31
C MET A 140 0.44 4.61 -5.65
N TYR A 141 0.90 3.49 -5.09
CA TYR A 141 2.19 3.44 -4.42
C TYR A 141 3.33 3.65 -5.40
N ALA A 142 3.12 3.21 -6.64
CA ALA A 142 4.09 3.44 -7.70
C ALA A 142 4.08 4.91 -8.11
N ARG A 143 2.88 5.48 -8.19
CA ARG A 143 2.71 6.90 -8.51
C ARG A 143 3.38 7.78 -7.48
N PHE A 144 3.30 7.38 -6.21
CA PHE A 144 3.94 8.11 -5.11
C PHE A 144 5.44 8.23 -5.34
N SER A 145 6.05 7.13 -5.76
CA SER A 145 7.48 7.08 -6.00
C SER A 145 7.89 7.95 -7.18
N GLU A 146 7.08 7.94 -8.23
CA GLU A 146 7.34 8.76 -9.41
C GLU A 146 7.33 10.24 -9.06
N LEU A 147 6.31 10.66 -8.31
CA LEU A 147 6.16 12.06 -7.93
C LEU A 147 7.27 12.48 -6.97
N LYS A 148 7.66 11.57 -6.08
CA LYS A 148 8.73 11.84 -5.14
C LYS A 148 10.04 12.08 -5.87
N ALA A 149 10.28 11.29 -6.91
CA ALA A 149 11.48 11.42 -7.73
C ALA A 149 11.47 12.73 -8.50
N SER A 150 10.29 13.13 -8.96
CA SER A 150 10.12 14.38 -9.69
C SER A 150 10.45 15.58 -8.81
N LEU A 151 10.19 15.44 -7.51
CA LEU A 151 10.46 16.51 -6.56
C LEU A 151 11.95 16.61 -6.24
N GLN A 152 12.57 15.46 -5.96
CA GLN A 152 13.99 15.43 -5.61
C GLN A 152 14.88 15.57 -6.85
N HIS A 153 14.26 15.82 -8.00
CA HIS A 153 14.98 16.17 -9.21
C HIS A 153 14.93 17.69 -9.40
N ALA A 154 13.82 18.28 -8.98
CA ALA A 154 13.62 19.72 -9.09
C ALA A 154 14.07 20.45 -7.83
N PHE A 155 14.05 19.73 -6.70
CA PHE A 155 14.47 20.32 -5.43
C PHE A 155 15.80 19.73 -4.98
N GLY A 156 16.15 18.58 -5.53
CA GLY A 156 17.29 17.84 -5.05
C GLY A 156 17.03 17.31 -3.65
N ASP A 157 18.05 16.76 -3.02
CA ASP A 157 17.95 16.31 -1.63
C ASP A 157 18.70 17.30 -0.74
N THR A 158 18.12 17.67 0.40
CA THR A 158 16.85 17.12 0.88
C THR A 158 15.64 17.90 0.38
N LEU A 159 14.46 17.30 0.53
CA LEU A 159 13.20 17.90 0.10
C LEU A 159 12.73 18.95 1.11
N PRO A 160 12.08 20.01 0.62
CA PRO A 160 11.67 21.13 1.46
C PRO A 160 10.56 20.78 2.46
N ALA A 161 10.40 21.61 3.48
CA ALA A 161 9.33 21.44 4.45
C ALA A 161 8.05 22.09 3.93
N VAL A 162 6.93 21.36 4.04
CA VAL A 162 5.66 21.83 3.50
C VAL A 162 4.56 21.83 4.55
N VAL A 163 3.78 22.91 4.59
CA VAL A 163 2.58 22.93 5.40
C VAL A 163 1.35 23.07 4.48
N THR A 164 0.32 22.28 4.77
CA THR A 164 -0.89 22.29 3.96
C THR A 164 -2.08 22.82 4.75
N LEU A 165 -2.97 23.55 4.09
CA LEU A 165 -4.14 24.11 4.75
C LEU A 165 -5.26 24.49 3.80
N ARG A 166 -6.42 24.75 4.38
CA ARG A 166 -7.52 25.42 3.70
C ARG A 166 -7.86 26.69 4.48
N PHE A 167 -8.43 27.67 3.80
CA PHE A 167 -8.84 28.91 4.45
C PHE A 167 -10.22 28.78 5.07
N ALA A 168 -10.32 29.05 6.36
CA ALA A 168 -11.62 29.13 7.03
C ALA A 168 -12.27 30.45 6.64
N ASN A 169 -11.44 31.47 6.60
CA ASN A 169 -11.81 32.80 6.13
C ASN A 169 -10.51 33.54 5.86
N PRO A 170 -10.59 34.80 5.40
CA PRO A 170 -9.34 35.49 5.09
C PRO A 170 -8.39 35.69 6.28
N THR A 171 -8.85 35.45 7.51
CA THR A 171 -7.96 35.60 8.66
C THR A 171 -7.83 34.34 9.51
N SER A 172 -8.49 33.26 9.11
CA SER A 172 -8.42 32.00 9.84
C SER A 172 -8.03 30.87 8.90
N VAL A 173 -7.34 29.87 9.43
CA VAL A 173 -6.78 28.79 8.62
C VAL A 173 -6.97 27.41 9.26
N PHE A 174 -7.26 26.41 8.42
CA PHE A 174 -7.34 25.02 8.85
C PHE A 174 -6.07 24.27 8.51
N LEU A 175 -5.14 24.19 9.46
CA LEU A 175 -3.90 23.43 9.26
C LEU A 175 -4.16 21.94 9.32
N TYR A 176 -3.62 21.21 8.36
CA TYR A 176 -3.80 19.76 8.33
C TYR A 176 -2.81 19.07 9.27
N THR A 177 -3.33 18.23 10.15
CA THR A 177 -2.56 17.67 11.25
C THR A 177 -1.94 16.31 10.91
N GLU A 178 -1.33 15.69 11.93
CA GLU A 178 -0.56 14.46 11.76
C GLU A 178 -1.40 13.30 11.26
N ASN A 179 -2.66 13.24 11.68
CA ASN A 179 -3.53 12.14 11.32
C ASN A 179 -4.35 12.42 10.07
N SER A 180 -4.04 13.52 9.38
CA SER A 180 -4.78 13.89 8.18
C SER A 180 -4.27 13.16 6.95
N THR A 181 -5.02 13.23 5.86
CA THR A 181 -4.62 12.64 4.60
C THR A 181 -3.56 13.44 3.83
N PRO A 182 -3.58 14.79 3.92
CA PRO A 182 -2.45 15.47 3.24
C PRO A 182 -1.11 15.21 3.93
N GLN A 183 -1.14 15.03 5.25
CA GLN A 183 0.07 14.70 6.00
C GLN A 183 0.66 13.39 5.51
N TYR A 184 -0.21 12.40 5.30
CA TYR A 184 0.19 11.11 4.77
C TYR A 184 0.80 11.27 3.38
N VAL A 185 0.17 12.12 2.58
CA VAL A 185 0.65 12.42 1.23
C VAL A 185 2.04 13.05 1.26
N LEU A 186 2.23 14.02 2.15
CA LEU A 186 3.52 14.68 2.31
C LEU A 186 4.62 13.69 2.70
N GLU A 187 4.34 12.86 3.70
CA GLU A 187 5.32 11.86 4.15
C GLU A 187 5.64 10.86 3.05
N GLN A 188 4.61 10.45 2.33
CA GLN A 188 4.76 9.48 1.24
C GLN A 188 5.49 10.11 0.05
N LEU A 189 5.54 11.45 0.02
CA LEU A 189 6.18 12.16 -1.08
C LEU A 189 7.62 12.52 -0.74
N GLY A 190 8.05 12.15 0.46
CA GLY A 190 9.39 12.46 0.93
C GLY A 190 9.48 13.85 1.54
N LEU A 191 8.35 14.54 1.64
CA LEU A 191 8.30 15.89 2.18
C LEU A 191 8.18 15.90 3.71
N SER A 192 8.73 16.93 4.33
CA SER A 192 8.62 17.11 5.78
C SER A 192 7.61 18.21 6.10
N SER A 193 7.20 18.28 7.37
CA SER A 193 6.20 19.25 7.80
C SER A 193 6.83 20.54 8.28
N ALA A 194 6.34 21.67 7.76
CA ALA A 194 6.86 22.98 8.15
C ALA A 194 6.26 23.41 9.48
N LEU A 195 5.02 23.00 9.73
CA LEU A 195 4.32 23.36 10.95
C LEU A 195 3.50 22.19 11.46
N PRO A 196 4.17 21.18 12.04
CA PRO A 196 3.54 19.93 12.48
C PRO A 196 2.48 20.15 13.55
N GLN A 197 1.39 19.40 13.46
CA GLN A 197 0.25 19.57 14.36
C GLN A 197 -0.21 18.25 14.96
N PRO A 198 -0.65 18.30 16.23
CA PRO A 198 -1.21 17.13 16.93
C PRO A 198 -2.48 16.63 16.25
N PRO A 199 -2.80 15.34 16.39
CA PRO A 199 -3.97 14.75 15.74
C PRO A 199 -5.28 15.39 16.18
N LYS A 200 -6.18 15.60 15.23
CA LYS A 200 -7.46 16.24 15.49
C LYS A 200 -8.56 15.53 14.72
N GLU A 201 -9.81 15.92 14.96
CA GLU A 201 -10.91 15.43 14.16
C GLU A 201 -10.81 16.04 12.77
N TRP A 202 -11.10 15.24 11.75
CA TRP A 202 -10.98 15.62 10.33
C TRP A 202 -9.54 15.95 9.93
N GLY A 203 -8.61 15.74 10.85
CA GLY A 203 -7.21 16.03 10.59
C GLY A 203 -6.94 17.51 10.39
N ILE A 204 -7.68 18.35 11.11
CA ILE A 204 -7.53 19.81 10.99
C ILE A 204 -7.55 20.52 12.33
N VAL A 205 -6.76 21.58 12.43
CA VAL A 205 -6.83 22.48 13.58
C VAL A 205 -6.91 23.92 13.06
N GLN A 206 -7.73 24.74 13.71
CA GLN A 206 -7.95 26.09 13.23
C GLN A 206 -6.96 27.08 13.83
N LYS A 207 -6.32 27.87 12.98
CA LYS A 207 -5.33 28.84 13.41
C LYS A 207 -5.62 30.23 12.84
N ARG A 208 -5.20 31.26 13.57
CA ARG A 208 -5.18 32.62 13.04
C ARG A 208 -4.20 32.66 11.88
N LEU A 209 -4.50 33.47 10.86
CA LEU A 209 -3.64 33.56 9.70
C LEU A 209 -2.24 34.03 10.06
N SER A 210 -2.15 34.92 11.05
CA SER A 210 -0.88 35.46 11.50
C SER A 210 0.08 34.39 12.03
N GLU A 211 -0.47 33.24 12.42
CA GLU A 211 0.35 32.15 12.95
C GLU A 211 1.26 31.56 11.88
N LEU A 212 0.93 31.80 10.61
CA LEU A 212 1.74 31.29 9.51
C LEU A 212 3.06 32.04 9.38
N GLN A 213 3.24 33.09 10.18
CA GLN A 213 4.51 33.81 10.23
C GLN A 213 5.63 32.89 10.71
N HIS A 214 5.26 31.89 11.52
CA HIS A 214 6.23 30.94 12.03
C HIS A 214 6.76 30.00 10.94
N VAL A 215 6.24 30.14 9.73
CA VAL A 215 6.72 29.34 8.62
C VAL A 215 7.78 30.12 7.83
N GLU A 216 8.95 30.28 8.45
CA GLU A 216 10.12 30.79 7.76
C GLU A 216 10.61 29.73 6.79
N GLN A 217 10.39 28.48 7.19
CA GLN A 217 10.90 27.32 6.48
C GLN A 217 10.03 26.92 5.29
N GLY A 218 10.47 27.29 4.09
CA GLY A 218 9.91 26.74 2.88
C GLY A 218 8.50 27.16 2.48
N TYR A 219 7.67 26.15 2.21
CA TYR A 219 6.51 26.33 1.36
C TYR A 219 5.14 26.18 2.03
N VAL A 220 4.17 26.91 1.50
CA VAL A 220 2.80 26.88 1.97
C VAL A 220 1.85 26.57 0.82
N LEU A 221 1.07 25.50 0.98
CA LEU A 221 0.09 25.10 -0.03
C LEU A 221 -1.32 25.18 0.50
N TYR A 222 -2.22 25.82 -0.24
CA TYR A 222 -3.62 25.90 0.15
C TYR A 222 -4.54 25.35 -0.93
N PHE A 223 -5.54 24.57 -0.52
CA PHE A 223 -6.42 23.88 -1.45
C PHE A 223 -7.54 24.75 -1.98
N LEU A 224 -7.77 24.68 -3.29
CA LEU A 224 -8.93 25.29 -3.91
C LEU A 224 -10.11 24.33 -3.77
N PRO A 225 -11.35 24.84 -3.84
CA PRO A 225 -11.74 26.24 -4.06
C PRO A 225 -11.73 27.10 -2.78
N PHE A 226 -11.45 28.38 -2.98
CA PHE A 226 -11.60 29.38 -1.92
C PHE A 226 -12.10 30.68 -2.52
N ALA A 227 -13.32 31.06 -2.15
CA ALA A 227 -14.00 32.18 -2.80
C ALA A 227 -13.31 33.52 -2.61
N GLU A 228 -12.53 33.66 -1.55
CA GLU A 228 -11.90 34.94 -1.24
C GLU A 228 -10.38 34.86 -1.34
N GLU A 229 -9.90 34.10 -2.32
CA GLU A 229 -8.46 33.92 -2.52
C GLU A 229 -7.78 35.24 -2.88
N LYS A 230 -8.39 35.97 -3.80
CA LYS A 230 -7.88 37.26 -4.26
C LYS A 230 -7.76 38.24 -3.09
N LYS A 231 -8.76 38.23 -2.22
CA LYS A 231 -8.78 39.13 -1.07
C LYS A 231 -7.62 38.85 -0.13
N VAL A 232 -7.32 37.57 0.08
CA VAL A 232 -6.21 37.18 0.95
C VAL A 232 -4.88 37.67 0.38
N GLN A 233 -4.67 37.44 -0.91
CA GLN A 233 -3.40 37.75 -1.56
C GLN A 233 -3.02 39.23 -1.48
N LYS A 234 -4.01 40.11 -1.38
CA LYS A 234 -3.75 41.55 -1.31
C LYS A 234 -3.59 42.04 0.11
N SER A 235 -4.09 41.26 1.06
CA SER A 235 -4.09 41.65 2.46
C SER A 235 -2.65 41.86 2.98
N VAL A 236 -2.51 42.82 3.88
CA VAL A 236 -1.21 43.18 4.44
C VAL A 236 -0.57 42.02 5.19
N LEU A 237 -1.39 41.28 5.94
CA LEU A 237 -0.90 40.16 6.74
C LEU A 237 -0.32 39.05 5.86
N TRP A 238 -0.88 38.88 4.68
CA TRP A 238 -0.46 37.84 3.75
C TRP A 238 0.74 38.27 2.92
N ARG A 239 0.73 39.51 2.45
CA ARG A 239 1.83 40.03 1.64
C ARG A 239 3.12 40.16 2.44
N ALA A 240 2.99 40.15 3.77
CA ALA A 240 4.13 40.28 4.66
C ALA A 240 4.57 38.92 5.21
N MET A 241 4.08 37.84 4.59
CA MET A 241 4.47 36.50 4.99
C MET A 241 5.82 36.11 4.41
N PRO A 242 6.65 35.42 5.21
CA PRO A 242 7.98 34.99 4.78
C PRO A 242 7.93 34.10 3.53
N PHE A 243 6.98 33.17 3.49
CA PHE A 243 6.84 32.27 2.36
C PHE A 243 6.23 32.97 1.15
N VAL A 244 5.49 34.04 1.40
CA VAL A 244 4.88 34.81 0.32
C VAL A 244 5.90 35.69 -0.38
N GLN A 245 6.69 36.41 0.42
CA GLN A 245 7.74 37.27 -0.11
C GLN A 245 8.84 36.46 -0.77
N ALA A 246 9.03 35.23 -0.30
CA ALA A 246 10.03 34.34 -0.87
C ALA A 246 9.47 33.59 -2.07
N GLY A 247 8.17 33.73 -2.29
CA GLY A 247 7.52 33.09 -3.42
C GLY A 247 7.27 31.61 -3.20
N ARG A 248 7.49 31.16 -1.98
CA ARG A 248 7.28 29.76 -1.63
C ARG A 248 5.84 29.51 -1.18
N VAL A 249 4.90 29.81 -2.06
CA VAL A 249 3.49 29.60 -1.78
C VAL A 249 2.71 29.41 -3.08
N ASN A 250 1.74 28.49 -3.07
CA ASN A 250 0.96 28.21 -4.26
C ASN A 250 -0.40 27.59 -3.93
N SER A 251 -1.35 27.76 -4.84
CA SER A 251 -2.67 27.17 -4.69
C SER A 251 -2.67 25.75 -5.25
N VAL A 252 -3.48 24.89 -4.65
CA VAL A 252 -3.60 23.51 -5.13
C VAL A 252 -5.00 23.27 -5.69
N ARG A 253 -5.06 22.73 -6.90
CA ARG A 253 -6.33 22.46 -7.57
C ARG A 253 -7.20 21.53 -6.73
N PRO A 254 -8.54 21.71 -6.82
CA PRO A 254 -9.51 21.03 -5.96
C PRO A 254 -9.30 19.52 -5.79
N VAL A 255 -8.86 19.12 -4.61
CA VAL A 255 -8.79 17.72 -4.22
C VAL A 255 -9.33 17.57 -2.80
N TRP A 256 -10.34 16.72 -2.65
CA TRP A 256 -11.01 16.54 -1.37
C TRP A 256 -10.07 15.98 -0.32
N SER A 257 -9.87 16.75 0.74
CA SER A 257 -8.93 16.36 1.80
C SER A 257 -9.60 15.48 2.85
N TYR A 258 -10.84 15.08 2.57
CA TYR A 258 -11.57 14.18 3.45
C TYR A 258 -12.21 13.05 2.64
N GLY A 259 -11.41 12.45 1.76
CA GLY A 259 -11.93 11.45 0.85
C GLY A 259 -11.46 10.03 1.14
N GLY A 260 -11.42 9.20 0.09
CA GLY A 260 -11.06 7.80 0.22
C GLY A 260 -9.62 7.50 -0.14
N ALA A 261 -9.38 6.26 -0.56
CA ALA A 261 -8.03 5.79 -0.87
C ALA A 261 -7.40 6.52 -2.05
N MET A 262 -8.18 6.73 -3.11
CA MET A 262 -7.64 7.30 -4.34
C MET A 262 -7.48 8.82 -4.24
N SER A 263 -8.10 9.43 -3.23
CA SER A 263 -7.92 10.85 -2.97
C SER A 263 -6.48 11.11 -2.52
N LEU A 264 -5.83 10.07 -2.00
CA LEU A 264 -4.43 10.15 -1.62
C LEU A 264 -3.55 10.30 -2.86
N ARG A 265 -3.90 9.57 -3.92
CA ARG A 265 -3.20 9.65 -5.18
C ARG A 265 -3.40 11.01 -5.84
N TYR A 266 -4.64 11.48 -5.85
CA TYR A 266 -4.98 12.76 -6.45
C TYR A 266 -4.31 13.91 -5.71
N SER A 267 -4.34 13.85 -4.38
CA SER A 267 -3.68 14.85 -3.56
C SER A 267 -2.19 14.91 -3.86
N ALA A 268 -1.57 13.73 -3.95
CA ALA A 268 -0.14 13.63 -4.21
C ALA A 268 0.25 14.27 -5.53
N GLU A 269 -0.57 14.06 -6.56
CA GLU A 269 -0.30 14.61 -7.88
C GLU A 269 -0.53 16.12 -7.93
N ALA A 270 -1.61 16.57 -7.28
CA ALA A 270 -1.95 17.99 -7.27
C ALA A 270 -0.96 18.78 -6.44
N ILE A 271 -0.57 18.22 -5.30
CA ILE A 271 0.42 18.84 -4.43
C ILE A 271 1.78 18.92 -5.13
N THR A 272 2.19 17.82 -5.76
CA THR A 272 3.42 17.77 -6.53
C THR A 272 3.42 18.84 -7.62
N GLU A 273 2.32 18.89 -8.38
CA GLU A 273 2.14 19.86 -9.44
C GLU A 273 2.30 21.30 -8.96
N SER A 274 1.65 21.62 -7.84
CA SER A 274 1.74 22.97 -7.27
C SER A 274 3.12 23.25 -6.68
N LEU A 275 3.81 22.18 -6.28
CA LEU A 275 5.10 22.31 -5.63
C LEU A 275 6.24 22.31 -6.64
N LEU A 276 6.01 21.68 -7.79
CA LEU A 276 6.97 21.72 -8.89
C LEU A 276 7.00 23.12 -9.50
N ALA A 277 5.84 23.76 -9.56
CA ALA A 277 5.80 25.18 -9.84
C ALA A 277 6.31 25.88 -8.58
N VAL A 278 6.67 27.15 -8.70
CA VAL A 278 7.29 27.95 -7.62
C VAL A 278 8.54 27.29 -7.01
N ALA A 279 9.03 26.23 -7.65
CA ALA A 279 10.27 25.60 -7.26
C ALA A 279 11.46 26.40 -7.78
N PRO A 280 12.61 26.36 -7.07
CA PRO A 280 13.77 27.15 -7.48
C PRO A 280 14.39 26.67 -8.80
N GLN A 281 15.22 27.52 -9.39
CA GLN A 281 15.90 27.20 -10.64
C GLN A 281 17.09 26.28 -10.40
N SER A 282 16.93 25.01 -10.72
CA SER A 282 17.98 24.01 -10.48
C SER A 282 18.95 23.95 -11.65
N HIS B 16 4.95 0.99 22.90
CA HIS B 16 5.73 0.23 21.93
C HIS B 16 7.02 0.96 21.58
N MET B 17 8.08 0.19 21.37
CA MET B 17 9.40 0.73 21.09
C MET B 17 9.52 1.33 19.69
N ARG B 18 10.60 2.06 19.47
CA ARG B 18 10.95 2.54 18.13
C ARG B 18 11.76 1.46 17.43
N VAL B 19 11.22 0.91 16.35
CA VAL B 19 11.82 -0.23 15.69
C VAL B 19 12.47 0.11 14.36
N VAL B 20 13.72 -0.31 14.20
CA VAL B 20 14.38 -0.24 12.90
C VAL B 20 14.65 -1.65 12.37
N VAL B 21 14.12 -1.94 11.18
CA VAL B 21 14.35 -3.23 10.53
C VAL B 21 15.31 -3.06 9.36
N LEU B 22 16.09 -4.10 9.10
CA LEU B 22 17.16 -4.00 8.10
C LEU B 22 17.01 -5.01 6.95
N ASN B 23 15.93 -5.78 6.98
CA ASN B 23 15.66 -6.74 5.92
C ASN B 23 14.18 -6.77 5.55
N TRP B 24 13.90 -7.14 4.31
CA TRP B 24 12.53 -7.12 3.79
C TRP B 24 11.63 -8.18 4.43
N ASP B 25 12.18 -9.35 4.72
CA ASP B 25 11.40 -10.41 5.35
C ASP B 25 10.95 -9.96 6.74
N LEU B 26 11.87 -9.36 7.50
CA LEU B 26 11.56 -8.88 8.83
C LEU B 26 10.62 -7.68 8.78
N LEU B 27 10.75 -6.89 7.72
CA LEU B 27 9.84 -5.77 7.50
C LEU B 27 8.41 -6.28 7.35
N GLU B 28 8.25 -7.32 6.55
CA GLU B 28 6.96 -7.98 6.40
C GLU B 28 6.44 -8.51 7.73
N GLN B 29 7.28 -9.29 8.41
CA GLN B 29 6.93 -9.88 9.71
C GLN B 29 6.43 -8.84 10.69
N VAL B 30 7.15 -7.72 10.79
CA VAL B 30 6.82 -6.67 11.74
C VAL B 30 5.54 -5.92 11.34
N LEU B 31 5.35 -5.72 10.04
CA LEU B 31 4.17 -5.01 9.55
C LEU B 31 2.91 -5.85 9.68
N GLU B 32 3.04 -7.15 9.45
CA GLU B 32 1.91 -8.07 9.54
C GLU B 32 1.40 -8.21 10.97
N LEU B 33 2.22 -7.78 11.93
CA LEU B 33 1.86 -7.85 13.34
C LEU B 33 1.23 -6.55 13.81
N GLY B 34 1.40 -5.49 13.03
CA GLY B 34 0.86 -4.19 13.41
C GLY B 34 1.93 -3.26 13.93
N ILE B 35 3.15 -3.77 14.08
CA ILE B 35 4.28 -2.94 14.49
C ILE B 35 4.71 -2.05 13.33
N GLN B 36 4.76 -0.74 13.57
CA GLN B 36 5.22 0.19 12.54
C GLN B 36 6.64 0.64 12.81
N PRO B 37 7.58 0.18 11.98
CA PRO B 37 9.00 0.54 12.14
C PRO B 37 9.25 2.00 11.77
N VAL B 38 10.24 2.61 12.41
CA VAL B 38 10.60 3.98 12.10
C VAL B 38 11.62 4.03 10.97
N GLY B 39 12.21 2.88 10.68
CA GLY B 39 13.21 2.76 9.62
C GLY B 39 13.21 1.40 8.95
N ALA B 40 13.40 1.40 7.64
CA ALA B 40 13.45 0.16 6.87
C ALA B 40 14.19 0.40 5.56
N PRO B 41 14.81 -0.66 5.00
CA PRO B 41 15.66 -0.47 3.82
C PRO B 41 14.93 -0.55 2.48
N GLU B 42 15.45 0.18 1.50
CA GLU B 42 14.99 0.12 0.10
C GLU B 42 13.48 0.07 -0.07
N LEU B 43 12.80 1.05 0.50
CA LEU B 43 11.34 1.12 0.50
C LEU B 43 10.78 1.24 -0.91
N SER B 44 11.52 1.88 -1.79
CA SER B 44 11.09 2.07 -3.17
C SER B 44 11.08 0.76 -3.95
N SER B 45 12.10 -0.07 -3.72
CA SER B 45 12.20 -1.37 -4.37
C SER B 45 11.20 -2.35 -3.80
N TYR B 46 10.97 -2.25 -2.49
CA TYR B 46 10.02 -3.10 -1.77
C TYR B 46 8.64 -3.10 -2.44
N VAL B 47 8.25 -1.93 -2.94
CA VAL B 47 6.96 -1.76 -3.60
C VAL B 47 6.84 -2.65 -4.84
N GLN B 48 7.94 -2.80 -5.56
CA GLN B 48 7.94 -3.58 -6.81
C GLN B 48 8.15 -5.06 -6.57
N TRP B 49 8.91 -5.40 -5.53
CA TRP B 49 9.34 -6.77 -5.32
C TRP B 49 8.52 -7.53 -4.28
N VAL B 50 8.18 -6.87 -3.19
CA VAL B 50 7.42 -7.53 -2.13
C VAL B 50 5.93 -7.17 -2.23
N VAL B 51 5.66 -5.91 -2.59
CA VAL B 51 4.30 -5.40 -2.77
C VAL B 51 3.45 -5.44 -1.49
N GLN B 52 3.22 -6.64 -0.96
CA GLN B 52 2.43 -6.79 0.26
C GLN B 52 3.27 -7.37 1.41
N PRO B 53 3.06 -6.85 2.64
CA PRO B 53 2.12 -5.78 2.97
C PRO B 53 2.67 -4.40 2.65
N GLU B 54 1.78 -3.42 2.51
CA GLU B 54 2.20 -2.06 2.17
C GLU B 54 2.97 -1.41 3.33
N VAL B 55 3.85 -0.48 2.97
CA VAL B 55 4.67 0.22 3.96
C VAL B 55 4.01 1.53 4.37
N PRO B 56 3.82 1.71 5.69
CA PRO B 56 3.28 2.96 6.25
C PRO B 56 4.11 4.18 5.84
N SER B 57 3.47 5.33 5.70
CA SER B 57 4.13 6.54 5.19
C SER B 57 5.23 7.07 6.10
N SER B 58 5.13 6.78 7.40
CA SER B 58 6.06 7.35 8.37
C SER B 58 7.38 6.59 8.43
N VAL B 59 7.44 5.46 7.74
CA VAL B 59 8.67 4.67 7.70
C VAL B 59 9.72 5.36 6.84
N GLN B 60 10.88 5.63 7.42
CA GLN B 60 11.97 6.28 6.69
C GLN B 60 12.93 5.24 6.10
N ASP B 61 13.44 5.54 4.91
CA ASP B 61 14.39 4.67 4.23
C ASP B 61 15.79 4.83 4.79
N ILE B 62 16.37 3.75 5.31
CA ILE B 62 17.67 3.81 5.96
C ILE B 62 18.78 3.21 5.09
N GLY B 63 18.56 3.16 3.79
CA GLY B 63 19.57 2.65 2.88
C GLY B 63 19.24 1.27 2.34
N THR B 64 20.29 0.51 2.02
CA THR B 64 20.13 -0.84 1.46
C THR B 64 20.27 -1.91 2.53
N ARG B 65 19.88 -3.12 2.20
CA ARG B 65 19.93 -4.24 3.14
C ARG B 65 21.36 -4.64 3.50
N THR B 66 22.28 -4.46 2.56
CA THR B 66 23.66 -4.89 2.77
C THR B 66 24.54 -3.74 3.26
N GLU B 67 24.13 -2.52 2.97
CA GLU B 67 24.85 -1.34 3.43
C GLU B 67 23.92 -0.29 4.03
N PRO B 68 23.35 -0.57 5.21
CA PRO B 68 22.42 0.37 5.85
C PRO B 68 23.11 1.64 6.32
N ASN B 69 22.43 2.77 6.16
CA ASN B 69 22.95 4.05 6.62
C ASN B 69 23.02 4.10 8.13
N LEU B 70 24.24 4.08 8.67
CA LEU B 70 24.43 4.01 10.11
C LEU B 70 24.06 5.32 10.82
N GLU B 71 24.19 6.44 10.13
CA GLU B 71 23.88 7.73 10.73
C GLU B 71 22.38 7.97 10.78
N LYS B 72 21.67 7.63 9.71
CA LYS B 72 20.22 7.72 9.68
C LYS B 72 19.60 6.84 10.76
N ILE B 73 20.13 5.61 10.88
CA ILE B 73 19.66 4.68 11.90
C ILE B 73 19.88 5.25 13.29
N ALA B 74 21.06 5.81 13.51
CA ALA B 74 21.38 6.44 14.79
C ALA B 74 20.50 7.68 15.04
N ALA B 75 20.26 8.45 13.98
CA ALA B 75 19.43 9.65 14.08
C ALA B 75 18.00 9.30 14.44
N LEU B 76 17.51 8.18 13.91
CA LEU B 76 16.15 7.74 14.16
C LEU B 76 15.95 7.29 15.61
N LYS B 77 17.06 7.09 16.32
CA LYS B 77 17.02 6.74 17.74
C LYS B 77 16.15 5.53 18.03
N PRO B 78 16.57 4.34 17.56
CA PRO B 78 15.74 3.15 17.79
C PRO B 78 15.94 2.58 19.19
N ASP B 79 14.94 1.86 19.69
CA ASP B 79 15.07 1.16 20.95
C ASP B 79 15.51 -0.27 20.70
N VAL B 80 15.34 -0.71 19.45
CA VAL B 80 15.68 -2.06 19.05
C VAL B 80 15.91 -2.12 17.54
N ILE B 81 16.92 -2.89 17.14
CA ILE B 81 17.23 -3.08 15.72
C ILE B 81 17.05 -4.54 15.32
N LEU B 82 16.26 -4.79 14.28
CA LEU B 82 16.03 -6.14 13.81
C LEU B 82 16.89 -6.44 12.59
N ALA B 83 17.66 -7.53 12.67
CA ALA B 83 18.54 -7.90 11.57
C ALA B 83 18.40 -9.38 11.22
N ALA B 84 18.68 -9.69 9.96
CA ALA B 84 18.68 -11.07 9.48
C ALA B 84 20.05 -11.44 8.92
N GLY B 85 20.11 -12.58 8.24
CA GLY B 85 21.33 -13.08 7.63
C GLY B 85 22.28 -12.07 6.98
N PRO B 86 21.77 -11.27 6.03
CA PRO B 86 22.61 -10.29 5.33
C PRO B 86 23.23 -9.20 6.22
N GLN B 87 22.81 -9.10 7.47
CA GLN B 87 23.34 -8.07 8.36
C GLN B 87 24.21 -8.63 9.48
N GLN B 88 24.60 -9.90 9.36
CA GLN B 88 25.30 -10.60 10.45
C GLN B 88 26.71 -10.06 10.71
N ASP B 89 27.33 -9.43 9.72
CA ASP B 89 28.66 -8.86 9.88
C ASP B 89 28.61 -7.45 10.47
N LEU B 90 27.41 -6.91 10.63
CA LEU B 90 27.23 -5.56 11.12
C LEU B 90 26.63 -5.54 12.53
N LEU B 91 26.38 -6.72 13.07
CA LEU B 91 25.74 -6.88 14.37
C LEU B 91 26.50 -6.16 15.49
N ALA B 92 27.82 -6.24 15.44
CA ALA B 92 28.67 -5.57 16.42
C ALA B 92 28.56 -4.06 16.29
N THR B 93 28.54 -3.57 15.06
CA THR B 93 28.39 -2.15 14.78
C THR B 93 27.03 -1.65 15.23
N LEU B 94 26.00 -2.43 14.91
CA LEU B 94 24.61 -2.06 15.23
C LEU B 94 24.33 -2.11 16.72
N GLY B 95 25.16 -2.84 17.46
CA GLY B 95 25.00 -2.96 18.90
C GLY B 95 25.31 -1.69 19.64
N ARG B 96 26.25 -0.90 19.11
CA ARG B 96 26.64 0.36 19.75
C ARG B 96 25.52 1.40 19.65
N ILE B 97 24.63 1.20 18.69
CA ILE B 97 23.54 2.14 18.44
C ILE B 97 22.29 1.77 19.24
N ALA B 98 21.97 0.48 19.27
CA ALA B 98 20.80 -0.03 19.96
C ALA B 98 20.90 -1.54 20.10
N PRO B 99 20.15 -2.12 21.06
CA PRO B 99 20.08 -3.59 21.14
C PRO B 99 19.60 -4.20 19.84
N VAL B 100 20.25 -5.29 19.41
CA VAL B 100 19.93 -5.92 18.15
C VAL B 100 19.29 -7.30 18.34
N VAL B 101 18.13 -7.49 17.73
CA VAL B 101 17.52 -8.82 17.66
C VAL B 101 17.87 -9.46 16.32
N TYR B 102 18.61 -10.57 16.37
CA TYR B 102 19.08 -11.22 15.16
C TYR B 102 18.22 -12.44 14.84
N LEU B 103 17.48 -12.36 13.74
CA LEU B 103 16.63 -13.47 13.30
C LEU B 103 17.00 -13.90 11.89
N PRO B 104 18.03 -14.76 11.78
CA PRO B 104 18.53 -15.22 10.48
C PRO B 104 17.64 -16.28 9.85
N ASN B 105 17.69 -16.38 8.54
CA ASN B 105 16.93 -17.39 7.82
C ASN B 105 17.62 -17.74 6.51
N PHE B 106 17.08 -18.73 5.81
CA PHE B 106 17.52 -19.11 4.47
C PHE B 106 18.94 -19.63 4.44
N SER B 107 19.32 -20.38 5.46
CA SER B 107 20.55 -21.13 5.42
C SER B 107 20.22 -22.45 4.74
N GLU B 108 21.07 -23.45 4.88
CA GLU B 108 20.71 -24.77 4.33
C GLU B 108 19.68 -25.46 5.22
N GLN B 109 18.79 -24.67 5.81
CA GLN B 109 17.68 -25.15 6.63
C GLN B 109 16.34 -24.94 5.91
N ASP B 110 15.26 -25.40 6.54
CA ASP B 110 13.92 -25.17 6.01
C ASP B 110 13.43 -23.80 6.42
N ASN B 111 13.43 -22.86 5.47
CA ASN B 111 13.23 -21.45 5.80
C ASN B 111 11.79 -21.05 6.07
N ALA B 112 10.90 -21.34 5.13
CA ALA B 112 9.51 -20.92 5.22
C ALA B 112 8.76 -21.63 6.32
N ALA B 113 8.44 -22.89 6.06
CA ALA B 113 7.61 -23.74 6.93
C ALA B 113 7.88 -23.54 8.40
N GLN B 114 9.15 -23.52 8.77
CA GLN B 114 9.52 -23.46 10.17
C GLN B 114 10.03 -22.09 10.57
N VAL B 115 11.21 -21.72 10.09
CA VAL B 115 11.90 -20.52 10.55
C VAL B 115 11.08 -19.25 10.38
N ALA B 116 10.57 -19.01 9.18
CA ALA B 116 9.77 -17.81 8.91
C ALA B 116 8.54 -17.76 9.81
N ILE B 117 7.85 -18.90 9.94
CA ILE B 117 6.69 -19.01 10.81
C ILE B 117 7.11 -18.93 12.28
N SER B 118 8.25 -19.50 12.61
CA SER B 118 8.75 -19.49 13.98
C SER B 118 9.21 -18.11 14.39
N HIS B 119 9.87 -17.41 13.47
CA HIS B 119 10.29 -16.03 13.71
C HIS B 119 9.07 -15.13 13.88
N PHE B 120 8.00 -15.45 13.16
CA PHE B 120 6.74 -14.72 13.24
C PHE B 120 6.13 -14.84 14.62
N LYS B 121 6.21 -16.04 15.21
CA LYS B 121 5.72 -16.28 16.55
C LYS B 121 6.63 -15.63 17.59
N THR B 122 7.94 -15.73 17.37
CA THR B 122 8.91 -15.16 18.29
C THR B 122 8.76 -13.64 18.40
N LEU B 123 8.71 -12.98 17.26
CA LEU B 123 8.55 -11.53 17.20
C LEU B 123 7.23 -11.09 17.82
N ALA B 124 6.19 -11.90 17.66
CA ALA B 124 4.88 -11.59 18.21
C ALA B 124 4.92 -11.59 19.74
N THR B 125 5.65 -12.57 20.30
CA THR B 125 5.83 -12.66 21.74
C THR B 125 6.63 -11.47 22.26
N LEU B 126 7.69 -11.12 21.54
CA LEU B 126 8.57 -10.03 21.93
C LEU B 126 7.89 -8.67 21.89
N PHE B 127 6.80 -8.57 21.14
CA PHE B 127 6.11 -7.29 20.98
C PHE B 127 4.66 -7.35 21.45
N GLY B 128 4.30 -8.42 22.14
CA GLY B 128 2.95 -8.58 22.68
C GLY B 128 1.89 -8.62 21.59
N LYS B 129 2.16 -9.37 20.52
CA LYS B 129 1.23 -9.49 19.41
C LYS B 129 0.92 -10.96 19.13
N GLU B 130 0.91 -11.77 20.17
CA GLU B 130 0.68 -13.21 20.05
C GLU B 130 -0.69 -13.56 19.46
N ALA B 131 -1.72 -12.85 19.91
CA ALA B 131 -3.08 -13.12 19.43
C ALA B 131 -3.22 -12.82 17.94
N VAL B 132 -2.68 -11.69 17.51
CA VAL B 132 -2.71 -11.28 16.11
C VAL B 132 -1.97 -12.28 15.23
N ALA B 133 -0.85 -12.78 15.74
CA ALA B 133 -0.03 -13.76 15.01
C ALA B 133 -0.77 -15.07 14.77
N GLN B 134 -1.48 -15.55 15.79
CA GLN B 134 -2.20 -16.81 15.68
C GLN B 134 -3.36 -16.72 14.70
N GLN B 135 -4.03 -15.57 14.71
CA GLN B 135 -5.16 -15.32 13.81
C GLN B 135 -4.73 -15.40 12.35
N LYS B 136 -3.57 -14.83 12.04
CA LYS B 136 -3.09 -14.77 10.66
C LYS B 136 -2.50 -16.11 10.22
N LEU B 137 -1.93 -16.86 11.15
CA LEU B 137 -1.41 -18.19 10.86
C LEU B 137 -2.53 -19.18 10.58
N GLU B 138 -3.56 -19.15 11.42
CA GLU B 138 -4.71 -20.02 11.26
C GLU B 138 -5.44 -19.72 9.94
N ALA B 139 -5.55 -18.45 9.61
CA ALA B 139 -6.20 -18.02 8.38
C ALA B 139 -5.35 -18.40 7.17
N MET B 140 -4.05 -18.51 7.37
CA MET B 140 -3.13 -18.89 6.29
C MET B 140 -3.30 -20.37 5.94
N TYR B 141 -3.37 -21.21 6.95
CA TYR B 141 -3.54 -22.64 6.77
C TYR B 141 -4.90 -22.99 6.18
N ALA B 142 -5.92 -22.27 6.62
CA ALA B 142 -7.26 -22.46 6.08
C ALA B 142 -7.32 -21.99 4.64
N ARG B 143 -6.55 -20.95 4.33
CA ARG B 143 -6.47 -20.42 2.97
C ARG B 143 -5.75 -21.39 2.04
N PHE B 144 -4.76 -22.10 2.58
CA PHE B 144 -4.06 -23.14 1.82
C PHE B 144 -5.05 -24.19 1.29
N SER B 145 -5.93 -24.65 2.17
CA SER B 145 -6.90 -25.69 1.82
C SER B 145 -7.91 -25.22 0.79
N GLU B 146 -8.31 -23.95 0.90
CA GLU B 146 -9.23 -23.35 -0.06
C GLU B 146 -8.64 -23.38 -1.46
N LEU B 147 -7.40 -22.89 -1.57
CA LEU B 147 -6.71 -22.84 -2.85
C LEU B 147 -6.36 -24.24 -3.32
N LYS B 148 -6.22 -25.17 -2.38
CA LYS B 148 -5.95 -26.56 -2.71
C LYS B 148 -7.17 -27.22 -3.33
N ALA B 149 -8.31 -27.10 -2.66
CA ALA B 149 -9.57 -27.65 -3.15
C ALA B 149 -9.96 -27.03 -4.48
N SER B 150 -9.65 -25.74 -4.64
CA SER B 150 -9.93 -25.03 -5.88
C SER B 150 -9.13 -25.65 -7.03
N LEU B 151 -7.87 -25.97 -6.75
CA LEU B 151 -7.01 -26.61 -7.74
C LEU B 151 -7.47 -28.04 -8.01
N GLN B 152 -7.96 -28.70 -6.98
CA GLN B 152 -8.47 -30.07 -7.11
C GLN B 152 -9.69 -30.11 -8.03
N HIS B 153 -10.50 -29.05 -8.00
CA HIS B 153 -11.69 -28.99 -8.84
C HIS B 153 -11.33 -28.81 -10.31
N ALA B 154 -10.25 -28.08 -10.56
CA ALA B 154 -9.86 -27.73 -11.92
C ALA B 154 -8.93 -28.75 -12.57
N PHE B 155 -8.16 -29.46 -11.74
CA PHE B 155 -7.16 -30.40 -12.25
C PHE B 155 -7.50 -31.85 -11.93
N GLY B 156 -8.48 -32.07 -11.06
CA GLY B 156 -8.74 -33.39 -10.53
C GLY B 156 -7.88 -33.59 -9.29
N ASP B 157 -8.02 -34.74 -8.63
CA ASP B 157 -7.22 -35.01 -7.44
C ASP B 157 -5.77 -35.33 -7.80
N THR B 158 -5.54 -35.68 -9.06
CA THR B 158 -4.18 -35.85 -9.57
C THR B 158 -3.62 -34.48 -9.98
N LEU B 159 -3.12 -33.74 -9.01
CA LEU B 159 -2.61 -32.40 -9.24
C LEU B 159 -1.28 -32.41 -9.99
N PRO B 160 -1.07 -31.41 -10.85
CA PRO B 160 0.11 -31.35 -11.72
C PRO B 160 1.43 -31.11 -10.97
N ALA B 161 2.54 -31.51 -11.58
CA ALA B 161 3.86 -31.21 -11.04
C ALA B 161 4.27 -29.81 -11.47
N VAL B 162 4.85 -29.04 -10.55
CA VAL B 162 5.20 -27.66 -10.81
C VAL B 162 6.65 -27.36 -10.49
N VAL B 163 7.31 -26.60 -11.37
CA VAL B 163 8.64 -26.08 -11.09
C VAL B 163 8.58 -24.56 -11.00
N THR B 164 9.01 -24.03 -9.87
CA THR B 164 8.97 -22.60 -9.58
C THR B 164 10.36 -21.99 -9.62
N LEU B 165 10.49 -20.81 -10.25
CA LEU B 165 11.81 -20.20 -10.41
C LEU B 165 11.76 -18.68 -10.58
N ARG B 166 12.94 -18.07 -10.54
CA ARG B 166 13.14 -16.68 -10.92
C ARG B 166 14.31 -16.62 -11.90
N PHE B 167 14.18 -15.77 -12.93
CA PHE B 167 15.26 -15.60 -13.89
C PHE B 167 16.41 -14.79 -13.28
N ALA B 168 17.62 -15.34 -13.35
CA ALA B 168 18.80 -14.59 -12.97
C ALA B 168 19.27 -13.75 -14.16
N ASN B 169 19.37 -14.41 -15.30
CA ASN B 169 19.72 -13.79 -16.56
C ASN B 169 18.68 -14.20 -17.60
N PRO B 170 18.76 -13.62 -18.82
CA PRO B 170 17.92 -14.17 -19.89
C PRO B 170 18.34 -15.60 -20.29
N THR B 171 19.44 -16.09 -19.72
CA THR B 171 19.92 -17.43 -20.01
C THR B 171 20.21 -18.25 -18.75
N SER B 172 19.71 -17.77 -17.61
CA SER B 172 19.93 -18.45 -16.34
C SER B 172 18.75 -18.27 -15.39
N VAL B 173 18.42 -19.33 -14.66
CA VAL B 173 17.27 -19.31 -13.76
C VAL B 173 17.64 -19.75 -12.34
N PHE B 174 16.84 -19.32 -11.37
CA PHE B 174 16.99 -19.74 -9.98
C PHE B 174 15.91 -20.74 -9.59
N LEU B 175 16.22 -22.03 -9.69
CA LEU B 175 15.27 -23.07 -9.30
C LEU B 175 15.13 -23.10 -7.78
N TYR B 176 13.88 -23.12 -7.31
CA TYR B 176 13.63 -23.14 -5.87
C TYR B 176 13.68 -24.57 -5.33
N THR B 177 14.52 -24.76 -4.32
CA THR B 177 14.88 -26.09 -3.85
C THR B 177 13.99 -26.61 -2.73
N GLU B 178 14.33 -27.80 -2.23
CA GLU B 178 13.54 -28.50 -1.22
C GLU B 178 13.23 -27.66 0.00
N ASN B 179 14.18 -26.80 0.39
CA ASN B 179 14.03 -26.04 1.62
C ASN B 179 13.51 -24.62 1.41
N SER B 180 13.08 -24.31 0.19
CA SER B 180 12.65 -22.95 -0.12
C SER B 180 11.20 -22.69 0.24
N THR B 181 10.82 -21.41 0.19
CA THR B 181 9.44 -21.02 0.47
C THR B 181 8.45 -21.39 -0.63
N PRO B 182 8.85 -21.32 -1.91
CA PRO B 182 7.85 -21.76 -2.90
C PRO B 182 7.62 -23.26 -2.85
N GLN B 183 8.65 -24.03 -2.52
CA GLN B 183 8.55 -25.48 -2.41
C GLN B 183 7.60 -25.86 -1.28
N TYR B 184 7.68 -25.14 -0.18
CA TYR B 184 6.76 -25.35 0.93
C TYR B 184 5.33 -25.07 0.51
N VAL B 185 5.13 -23.94 -0.17
CA VAL B 185 3.82 -23.53 -0.65
C VAL B 185 3.22 -24.56 -1.61
N LEU B 186 4.03 -25.05 -2.54
CA LEU B 186 3.60 -26.08 -3.48
C LEU B 186 3.06 -27.32 -2.77
N GLU B 187 3.72 -27.70 -1.68
CA GLU B 187 3.31 -28.87 -0.91
C GLU B 187 2.05 -28.61 -0.09
N GLN B 188 1.81 -27.34 0.23
CA GLN B 188 0.61 -26.97 0.96
C GLN B 188 -0.60 -26.97 0.02
N LEU B 189 -0.32 -26.81 -1.27
CA LEU B 189 -1.37 -26.80 -2.29
C LEU B 189 -1.56 -28.19 -2.89
N GLY B 190 -0.88 -29.17 -2.33
CA GLY B 190 -0.97 -30.54 -2.80
C GLY B 190 -0.28 -30.74 -4.14
N LEU B 191 0.62 -29.82 -4.48
CA LEU B 191 1.37 -29.90 -5.72
C LEU B 191 2.74 -30.54 -5.53
N SER B 192 3.15 -31.37 -6.48
CA SER B 192 4.47 -31.96 -6.45
C SER B 192 5.45 -31.14 -7.29
N SER B 193 6.74 -31.41 -7.14
CA SER B 193 7.77 -30.65 -7.85
C SER B 193 8.19 -31.36 -9.13
N ALA B 194 8.22 -30.62 -10.23
CA ALA B 194 8.63 -31.15 -11.53
C ALA B 194 10.15 -31.25 -11.62
N LEU B 195 10.85 -30.44 -10.82
CA LEU B 195 12.31 -30.45 -10.76
C LEU B 195 12.81 -30.34 -9.33
N PRO B 196 12.69 -31.44 -8.55
CA PRO B 196 13.13 -31.45 -7.15
C PRO B 196 14.62 -31.13 -7.02
N GLN B 197 14.98 -30.38 -5.99
CA GLN B 197 16.36 -29.96 -5.80
C GLN B 197 16.75 -30.00 -4.32
N PRO B 198 17.96 -30.50 -4.03
CA PRO B 198 18.46 -30.58 -2.65
C PRO B 198 18.59 -29.19 -2.01
N PRO B 199 18.50 -29.12 -0.67
CA PRO B 199 18.57 -27.87 0.11
C PRO B 199 19.76 -26.99 -0.24
N LYS B 200 19.51 -25.70 -0.37
CA LYS B 200 20.55 -24.72 -0.68
C LYS B 200 20.33 -23.43 0.10
N GLU B 201 21.33 -22.55 0.07
CA GLU B 201 21.18 -21.24 0.69
C GLU B 201 20.16 -20.44 -0.11
N TRP B 202 19.34 -19.67 0.59
CA TRP B 202 18.23 -18.90 0.01
C TRP B 202 17.19 -19.78 -0.67
N GLY B 203 17.35 -21.10 -0.55
CA GLY B 203 16.43 -22.04 -1.17
C GLY B 203 16.46 -21.98 -2.69
N ILE B 204 17.62 -21.63 -3.23
CA ILE B 204 17.76 -21.54 -4.68
C ILE B 204 19.03 -22.21 -5.18
N VAL B 205 18.96 -22.74 -6.39
CA VAL B 205 20.15 -23.19 -7.10
C VAL B 205 20.16 -22.56 -8.49
N GLN B 206 21.33 -22.14 -8.95
CA GLN B 206 21.41 -21.52 -10.26
C GLN B 206 21.68 -22.55 -11.34
N LYS B 207 20.79 -22.61 -12.32
CA LYS B 207 20.94 -23.51 -13.45
C LYS B 207 20.87 -22.73 -14.75
N ARG B 208 21.50 -23.26 -15.80
CA ARG B 208 21.34 -22.71 -17.14
C ARG B 208 19.90 -22.88 -17.58
N LEU B 209 19.37 -21.90 -18.32
CA LEU B 209 18.00 -21.94 -18.79
C LEU B 209 17.72 -23.21 -19.59
N SER B 210 18.75 -23.68 -20.30
CA SER B 210 18.65 -24.86 -21.15
C SER B 210 18.19 -26.11 -20.40
N GLU B 211 18.42 -26.14 -19.09
CA GLU B 211 18.06 -27.31 -18.29
C GLU B 211 16.55 -27.39 -18.04
N LEU B 212 15.82 -26.39 -18.50
CA LEU B 212 14.36 -26.41 -18.39
C LEU B 212 13.76 -27.19 -19.56
N GLN B 213 14.59 -27.56 -20.52
CA GLN B 213 14.18 -28.45 -21.61
C GLN B 213 13.86 -29.82 -21.04
N HIS B 214 14.40 -30.08 -19.85
CA HIS B 214 14.25 -31.35 -19.16
C HIS B 214 12.88 -31.48 -18.50
N VAL B 215 12.00 -30.53 -18.78
CA VAL B 215 10.69 -30.47 -18.13
C VAL B 215 9.55 -30.78 -19.09
N GLU B 216 9.05 -32.00 -19.04
CA GLU B 216 7.88 -32.38 -19.84
C GLU B 216 6.69 -32.65 -18.93
N GLN B 217 5.48 -32.32 -19.41
CA GLN B 217 4.21 -32.50 -18.71
C GLN B 217 4.05 -31.58 -17.50
N GLY B 218 5.15 -31.16 -16.89
CA GLY B 218 5.10 -30.28 -15.74
C GLY B 218 4.76 -28.84 -16.09
N TYR B 219 4.28 -28.09 -15.12
CA TYR B 219 3.99 -26.67 -15.30
C TYR B 219 5.15 -25.81 -14.82
N VAL B 220 5.41 -24.71 -15.50
CA VAL B 220 6.53 -23.83 -15.16
C VAL B 220 6.04 -22.44 -14.78
N LEU B 221 6.29 -22.04 -13.54
CA LEU B 221 5.88 -20.73 -13.04
C LEU B 221 7.10 -19.90 -12.64
N TYR B 222 7.19 -18.68 -13.16
CA TYR B 222 8.28 -17.78 -12.77
C TYR B 222 7.73 -16.51 -12.13
N PHE B 223 8.43 -16.03 -11.11
CA PHE B 223 7.98 -14.89 -10.32
C PHE B 223 8.32 -13.55 -10.97
N LEU B 224 7.45 -12.57 -10.76
CA LEU B 224 7.71 -11.20 -11.19
C LEU B 224 8.25 -10.39 -10.01
N PRO B 225 8.94 -9.28 -10.30
CA PRO B 225 9.26 -8.72 -11.62
C PRO B 225 10.54 -9.27 -12.24
N PHE B 226 10.58 -9.27 -13.56
CA PHE B 226 11.80 -9.55 -14.30
C PHE B 226 11.87 -8.64 -15.51
N ALA B 227 12.83 -7.72 -15.49
CA ALA B 227 12.89 -6.68 -16.51
C ALA B 227 13.17 -7.23 -17.91
N GLU B 228 13.71 -8.43 -18.00
CA GLU B 228 14.06 -9.01 -19.29
C GLU B 228 13.14 -10.14 -19.69
N GLU B 229 11.87 -10.05 -19.28
CA GLU B 229 10.91 -11.10 -19.57
C GLU B 229 10.69 -11.26 -21.07
N LYS B 230 10.47 -10.13 -21.75
CA LYS B 230 10.23 -10.14 -23.19
C LYS B 230 11.45 -10.65 -23.96
N LYS B 231 12.64 -10.40 -23.43
CA LYS B 231 13.85 -10.86 -24.08
C LYS B 231 13.89 -12.38 -24.10
N VAL B 232 13.52 -12.99 -22.98
CA VAL B 232 13.46 -14.44 -22.87
C VAL B 232 12.37 -15.01 -23.78
N GLN B 233 11.17 -14.44 -23.68
CA GLN B 233 10.01 -14.91 -24.41
C GLN B 233 10.21 -14.94 -25.93
N LYS B 234 11.15 -14.14 -26.41
CA LYS B 234 11.41 -14.05 -27.85
C LYS B 234 12.54 -14.99 -28.30
N SER B 235 13.31 -15.49 -27.35
CA SER B 235 14.45 -16.33 -27.68
C SER B 235 14.02 -17.68 -28.25
N VAL B 236 14.90 -18.27 -29.05
CA VAL B 236 14.67 -19.59 -29.63
C VAL B 236 14.59 -20.67 -28.55
N LEU B 237 15.47 -20.58 -27.55
CA LEU B 237 15.54 -21.58 -26.50
C LEU B 237 14.25 -21.64 -25.70
N TRP B 238 13.71 -20.47 -25.34
CA TRP B 238 12.48 -20.41 -24.56
C TRP B 238 11.26 -20.82 -25.38
N ARG B 239 11.15 -20.29 -26.59
CA ARG B 239 10.01 -20.57 -27.47
C ARG B 239 9.93 -22.05 -27.82
N ALA B 240 11.05 -22.76 -27.69
CA ALA B 240 11.10 -24.18 -28.05
C ALA B 240 10.88 -25.09 -26.84
N MET B 241 10.77 -24.48 -25.66
CA MET B 241 10.52 -25.25 -24.45
C MET B 241 9.20 -26.01 -24.56
N PRO B 242 9.21 -27.29 -24.16
CA PRO B 242 8.04 -28.17 -24.26
C PRO B 242 6.84 -27.65 -23.45
N PHE B 243 7.12 -26.94 -22.36
CA PHE B 243 6.05 -26.40 -21.53
C PHE B 243 5.51 -25.10 -22.10
N VAL B 244 6.32 -24.44 -22.93
CA VAL B 244 5.89 -23.22 -23.61
C VAL B 244 4.94 -23.56 -24.75
N GLN B 245 5.30 -24.59 -25.52
CA GLN B 245 4.48 -25.03 -26.65
C GLN B 245 3.16 -25.64 -26.18
N ALA B 246 3.20 -26.28 -25.01
CA ALA B 246 2.02 -26.92 -24.46
C ALA B 246 1.10 -25.92 -23.77
N GLY B 247 1.68 -24.81 -23.33
CA GLY B 247 0.93 -23.78 -22.63
C GLY B 247 0.96 -23.94 -21.13
N ARG B 248 1.92 -24.73 -20.63
CA ARG B 248 2.06 -24.94 -19.20
C ARG B 248 3.03 -23.95 -18.57
N VAL B 249 3.02 -22.71 -19.06
CA VAL B 249 3.80 -21.64 -18.45
C VAL B 249 2.91 -20.49 -18.04
N ASN B 250 3.38 -19.74 -17.05
CA ASN B 250 2.74 -18.50 -16.66
C ASN B 250 3.64 -17.71 -15.72
N SER B 251 3.56 -16.39 -15.80
CA SER B 251 4.25 -15.55 -14.85
C SER B 251 3.46 -15.53 -13.55
N VAL B 252 4.14 -15.27 -12.44
CA VAL B 252 3.47 -15.16 -11.16
C VAL B 252 3.56 -13.71 -10.68
N ARG B 253 2.42 -13.17 -10.25
CA ARG B 253 2.36 -11.82 -9.70
C ARG B 253 3.34 -11.69 -8.53
N PRO B 254 4.00 -10.52 -8.43
CA PRO B 254 5.08 -10.26 -7.46
C PRO B 254 4.79 -10.72 -6.04
N VAL B 255 5.50 -11.76 -5.61
CA VAL B 255 5.50 -12.21 -4.23
C VAL B 255 6.93 -12.57 -3.83
N TRP B 256 7.44 -11.89 -2.81
CA TRP B 256 8.83 -12.05 -2.41
C TRP B 256 9.11 -13.47 -1.94
N SER B 257 10.02 -14.15 -2.63
CA SER B 257 10.28 -15.56 -2.38
C SER B 257 11.24 -15.75 -1.21
N TYR B 258 11.63 -14.66 -0.58
CA TYR B 258 12.53 -14.72 0.57
C TYR B 258 12.00 -13.85 1.71
N GLY B 259 10.70 -13.97 1.96
CA GLY B 259 10.04 -13.13 2.95
C GLY B 259 9.71 -13.82 4.26
N GLY B 260 8.61 -13.42 4.87
CA GLY B 260 8.20 -13.95 6.17
C GLY B 260 7.07 -14.95 6.09
N ALA B 261 6.28 -15.04 7.17
CA ALA B 261 5.25 -16.05 7.29
C ALA B 261 4.05 -15.78 6.39
N MET B 262 3.64 -14.53 6.28
CA MET B 262 2.45 -14.18 5.51
C MET B 262 2.74 -14.21 4.00
N SER B 263 4.01 -14.14 3.65
CA SER B 263 4.42 -14.25 2.25
C SER B 263 4.08 -15.63 1.70
N LEU B 264 3.97 -16.61 2.60
CA LEU B 264 3.58 -17.96 2.23
C LEU B 264 2.14 -17.99 1.75
N ARG B 265 1.30 -17.24 2.45
CA ARG B 265 -0.10 -17.06 2.05
C ARG B 265 -0.19 -16.32 0.72
N TYR B 266 0.53 -15.20 0.64
CA TYR B 266 0.53 -14.37 -0.56
C TYR B 266 1.04 -15.14 -1.77
N SER B 267 2.11 -15.92 -1.57
CA SER B 267 2.67 -16.75 -2.63
C SER B 267 1.71 -17.85 -3.05
N ALA B 268 1.00 -18.43 -2.08
CA ALA B 268 0.05 -19.49 -2.36
C ALA B 268 -1.08 -19.00 -3.26
N GLU B 269 -1.55 -17.79 -2.99
CA GLU B 269 -2.61 -17.18 -3.76
C GLU B 269 -2.15 -16.84 -5.18
N ALA B 270 -0.93 -16.31 -5.28
CA ALA B 270 -0.37 -15.89 -6.56
C ALA B 270 -0.03 -17.09 -7.44
N ILE B 271 0.39 -18.18 -6.81
CA ILE B 271 0.73 -19.40 -7.55
C ILE B 271 -0.52 -20.13 -8.03
N THR B 272 -1.49 -20.29 -7.14
CA THR B 272 -2.76 -20.91 -7.47
C THR B 272 -3.44 -20.15 -8.62
N GLU B 273 -3.43 -18.84 -8.51
CA GLU B 273 -3.95 -17.96 -9.54
C GLU B 273 -3.31 -18.20 -10.91
N SER B 274 -1.99 -18.33 -10.93
CA SER B 274 -1.26 -18.56 -12.18
C SER B 274 -1.59 -19.91 -12.78
N LEU B 275 -1.62 -20.94 -11.94
CA LEU B 275 -1.92 -22.29 -12.40
C LEU B 275 -3.35 -22.43 -12.90
N LEU B 276 -4.30 -21.81 -12.20
CA LEU B 276 -5.71 -21.86 -12.60
C LEU B 276 -5.91 -21.18 -13.96
N ALA B 277 -5.12 -20.15 -14.21
CA ALA B 277 -5.18 -19.41 -15.47
C ALA B 277 -4.73 -20.26 -16.64
N VAL B 278 -3.83 -21.21 -16.38
CA VAL B 278 -3.31 -22.07 -17.43
C VAL B 278 -3.82 -23.50 -17.28
N ALA B 279 -4.89 -23.66 -16.52
CA ALA B 279 -5.54 -24.96 -16.36
C ALA B 279 -6.20 -25.37 -17.68
N PRO B 280 -6.24 -26.68 -17.95
CA PRO B 280 -6.83 -27.21 -19.18
C PRO B 280 -8.27 -26.73 -19.39
N GLN B 281 -8.55 -26.26 -20.60
CA GLN B 281 -9.88 -25.76 -20.95
C GLN B 281 -10.90 -26.90 -21.02
#